data_9GL1
#
_entry.id   9GL1
#
_cell.length_a   113.564
_cell.length_b   113.564
_cell.length_c   90.426
_cell.angle_alpha   90
_cell.angle_beta   90
_cell.angle_gamma   120
#
_symmetry.space_group_name_H-M   'P 32 2 1'
#
loop_
_entity.id
_entity.type
_entity.pdbx_description
1 polymer 'Acetylpolyamine aminohydrolase'
2 non-polymer 'ZINC ION'
3 non-polymer 'POTASSIUM ION'
4 water water
#
_entity_poly.entity_id   1
_entity_poly.type   'polypeptide(L)'
_entity_poly.pdbx_seq_one_letter_code
;MPSSHHHHHHSQDPNCLIQIPSAKDIQQMHGMPAGADEDQFERLKHMTQVIATTQSKDPSLPVVTTDRVELPEHWNQLFA
AMKKGDENVALTLFAEFPEEDQILQALLAVHTSEYLQQIIRDCIQAQAKGWKQLNSDILITPGTFEVLIKDISMTLFHSK
KVHFSFGLPTHHAFADEGSGFCILNKSAVLLKHMQRNTKPLKHIIVGTDVNRDNGLCDILMNSAADMDICHIDVFDSRVY
PYQDEDYITELFNKCGKDEGQNIQSWQRGGLDYFVVNLSRTTRKPGLVHPALVFAIEKMEEQIEQAKINHQKVALFLPTG
WDSHEEETAYCGKYVDGYLMGATEARKTRLNTTDLTYFYESIFKLYRENKDHIEKVYWGLEGGYDRKMYEQQIELLMSIV
LN
;
_entity_poly.pdbx_strand_id   A
#
loop_
_chem_comp.id
_chem_comp.type
_chem_comp.name
_chem_comp.formula
K non-polymer 'POTASSIUM ION' 'K 1'
ZN non-polymer 'ZINC ION' 'Zn 2'
#
# COMPACT_ATOMS: atom_id res chain seq x y z
N PRO A 14 8.83 22.62 4.91
CA PRO A 14 9.15 21.33 5.53
C PRO A 14 9.88 20.35 4.62
N ASN A 15 9.34 19.14 4.44
CA ASN A 15 10.16 18.06 3.85
C ASN A 15 9.33 16.88 3.35
N CYS A 16 8.00 16.96 3.20
CA CYS A 16 7.25 15.84 2.66
C CYS A 16 7.32 15.85 1.13
N LEU A 17 6.66 14.86 0.52
CA LEU A 17 6.53 14.78 -0.92
C LEU A 17 5.24 14.03 -1.19
N ILE A 18 4.46 14.51 -2.14
CA ILE A 18 3.21 13.85 -2.51
C ILE A 18 3.39 13.36 -3.94
N GLN A 19 3.80 12.11 -4.09
CA GLN A 19 3.89 11.53 -5.42
C GLN A 19 2.50 11.25 -5.95
N ILE A 20 2.28 11.56 -7.21
CA ILE A 20 1.06 11.17 -7.91
C ILE A 20 1.43 10.65 -9.30
N PRO A 21 0.58 9.81 -9.87
CA PRO A 21 0.82 9.38 -11.25
C PRO A 21 0.61 10.54 -12.20
N SER A 22 1.40 10.54 -13.26
CA SER A 22 1.28 11.62 -14.23
C SER A 22 0.10 11.34 -15.14
N ALA A 23 -0.22 12.33 -15.97
CA ALA A 23 -1.39 12.22 -16.83
C ALA A 23 -1.23 11.11 -17.88
N LYS A 24 -0.02 10.95 -18.44
CA LYS A 24 0.19 9.87 -19.40
C LYS A 24 0.03 8.54 -18.70
N ASP A 25 0.45 8.47 -17.44
CA ASP A 25 0.35 7.25 -16.66
C ASP A 25 -1.12 6.87 -16.47
N ILE A 26 -1.86 7.68 -15.71
CA ILE A 26 -3.28 7.46 -15.45
C ILE A 26 -4.00 7.10 -16.75
N GLN A 27 -3.51 7.60 -17.89
CA GLN A 27 -4.18 7.30 -19.15
C GLN A 27 -3.90 5.88 -19.65
N GLN A 28 -3.07 5.10 -18.96
CA GLN A 28 -2.96 3.68 -19.23
C GLN A 28 -3.79 2.80 -18.29
N MET A 29 -4.43 3.37 -17.25
CA MET A 29 -5.21 2.58 -16.29
C MET A 29 -6.69 2.51 -16.63
N HIS A 30 -7.09 2.87 -17.85
CA HIS A 30 -8.47 2.63 -18.27
C HIS A 30 -8.82 1.16 -18.06
N GLY A 31 -9.98 0.91 -17.44
CA GLY A 31 -10.49 -0.43 -17.31
C GLY A 31 -9.98 -1.22 -16.12
N MET A 32 -8.93 -0.75 -15.46
CA MET A 32 -8.44 -1.53 -14.35
C MET A 32 -9.46 -1.49 -13.21
N PRO A 33 -9.72 -2.63 -12.56
CA PRO A 33 -10.83 -2.68 -11.59
C PRO A 33 -10.50 -1.88 -10.35
N ALA A 34 -11.51 -1.18 -9.85
CA ALA A 34 -11.48 -0.63 -8.50
C ALA A 34 -12.71 -1.16 -7.78
N GLY A 35 -12.96 -0.66 -6.58
CA GLY A 35 -13.91 -1.29 -5.68
C GLY A 35 -15.37 -0.88 -5.86
N ALA A 36 -15.71 -0.16 -6.93
CA ALA A 36 -17.05 0.42 -7.08
C ALA A 36 -17.39 0.72 -8.55
N ASP A 37 -18.07 1.84 -8.80
CA ASP A 37 -18.47 2.25 -10.16
C ASP A 37 -17.33 2.91 -10.93
N GLU A 38 -16.22 3.24 -10.27
CA GLU A 38 -15.08 3.80 -10.94
C GLU A 38 -14.05 2.70 -11.26
N ASP A 39 -13.37 2.88 -12.39
CA ASP A 39 -12.14 2.19 -12.73
C ASP A 39 -10.94 3.01 -12.22
N GLN A 40 -9.76 2.40 -12.21
CA GLN A 40 -8.65 3.08 -11.53
C GLN A 40 -8.26 4.36 -12.25
N PHE A 41 -8.57 4.45 -13.55
CA PHE A 41 -8.43 5.71 -14.26
C PHE A 41 -9.30 6.80 -13.61
N GLU A 42 -10.63 6.62 -13.66
CA GLU A 42 -11.57 7.61 -13.12
C GLU A 42 -11.30 7.92 -11.66
N ARG A 43 -10.88 6.91 -10.91
CA ARG A 43 -10.52 7.13 -9.52
C ARG A 43 -9.35 8.08 -9.41
N LEU A 44 -8.18 7.66 -9.89
CA LEU A 44 -6.96 8.47 -9.80
C LEU A 44 -7.05 9.78 -10.58
N LYS A 45 -7.91 9.88 -11.58
CA LYS A 45 -8.16 11.18 -12.17
C LYS A 45 -8.78 12.12 -11.14
N HIS A 46 -9.84 11.66 -10.46
CA HIS A 46 -10.55 12.52 -9.51
C HIS A 46 -9.73 12.81 -8.28
N MET A 47 -8.90 11.87 -7.86
CA MET A 47 -8.07 12.14 -6.70
C MET A 47 -7.01 13.20 -7.00
N THR A 48 -6.28 13.08 -8.12
CA THR A 48 -5.31 14.12 -8.46
C THR A 48 -5.99 15.45 -8.71
N GLN A 49 -7.26 15.42 -9.08
CA GLN A 49 -8.02 16.67 -9.16
C GLN A 49 -8.14 17.32 -7.79
N VAL A 50 -8.52 16.54 -6.78
CA VAL A 50 -8.65 17.07 -5.42
C VAL A 50 -7.32 17.53 -4.88
N ILE A 51 -6.24 16.87 -5.28
CA ILE A 51 -4.94 17.35 -4.88
C ILE A 51 -4.55 18.60 -5.68
N ALA A 52 -5.01 18.70 -6.93
CA ALA A 52 -4.86 19.98 -7.63
C ALA A 52 -5.73 21.06 -7.02
N THR A 53 -6.68 20.69 -6.18
CA THR A 53 -7.47 21.64 -5.41
C THR A 53 -6.67 22.18 -4.24
N THR A 54 -6.32 21.29 -3.29
CA THR A 54 -5.54 21.77 -2.16
C THR A 54 -4.05 22.11 -2.57
N GLN A 55 -3.67 22.08 -3.85
CA GLN A 55 -2.36 22.57 -4.31
C GLN A 55 -2.43 23.99 -4.87
N SER A 56 -3.60 24.42 -5.33
CA SER A 56 -3.83 25.83 -5.60
C SER A 56 -4.36 26.58 -4.38
N LYS A 57 -4.90 25.85 -3.38
CA LYS A 57 -5.09 26.43 -2.05
C LYS A 57 -3.75 26.74 -1.38
N ASP A 58 -2.73 25.91 -1.61
CA ASP A 58 -1.44 26.02 -0.93
C ASP A 58 -0.34 25.45 -1.82
N PRO A 59 0.29 26.28 -2.69
CA PRO A 59 1.36 25.76 -3.56
C PRO A 59 2.58 25.22 -2.83
N SER A 60 2.54 25.18 -1.50
CA SER A 60 3.58 24.50 -0.73
C SER A 60 3.44 22.98 -0.81
N LEU A 61 2.20 22.45 -0.89
CA LEU A 61 1.98 21.01 -1.00
C LEU A 61 2.82 20.49 -2.16
N PRO A 62 3.90 19.76 -1.85
CA PRO A 62 4.93 19.42 -2.84
C PRO A 62 4.54 18.19 -3.67
N VAL A 63 3.76 18.43 -4.70
CA VAL A 63 3.25 17.34 -5.53
C VAL A 63 4.21 17.15 -6.69
N VAL A 64 4.58 15.90 -6.92
CA VAL A 64 5.44 15.57 -8.05
C VAL A 64 4.77 14.42 -8.77
N THR A 65 4.85 14.42 -10.09
CA THR A 65 4.27 13.32 -10.82
C THR A 65 5.32 12.26 -11.08
N THR A 66 4.85 11.11 -11.53
CA THR A 66 5.82 10.08 -11.87
C THR A 66 6.63 10.43 -13.11
N ASP A 67 6.43 11.59 -13.73
CA ASP A 67 7.23 11.89 -14.92
C ASP A 67 8.61 12.49 -14.60
N ARG A 68 8.84 13.05 -13.41
CA ARG A 68 10.19 13.48 -13.05
C ARG A 68 11.08 12.29 -12.69
N VAL A 69 10.58 11.08 -12.91
CA VAL A 69 11.38 9.88 -12.75
C VAL A 69 12.15 9.66 -14.03
N GLU A 70 13.36 9.14 -13.91
CA GLU A 70 14.31 9.07 -15.02
C GLU A 70 14.92 7.70 -15.04
N LEU A 71 14.58 6.90 -16.03
CA LEU A 71 14.91 5.49 -15.86
C LEU A 71 16.17 5.13 -16.63
N PRO A 72 16.80 4.00 -16.32
CA PRO A 72 17.96 3.59 -17.12
C PRO A 72 17.54 3.23 -18.53
N GLU A 73 18.47 3.45 -19.46
CA GLU A 73 18.21 3.29 -20.89
C GLU A 73 17.75 1.88 -21.25
N HIS A 74 18.25 0.85 -20.56
CA HIS A 74 17.78 -0.49 -20.87
C HIS A 74 16.29 -0.66 -20.56
N TRP A 75 15.78 -0.02 -19.50
CA TRP A 75 14.35 -0.09 -19.18
C TRP A 75 13.52 0.61 -20.25
N ASN A 76 13.83 1.88 -20.52
CA ASN A 76 13.10 2.62 -21.54
C ASN A 76 13.20 1.91 -22.89
N GLN A 77 14.35 1.29 -23.16
CA GLN A 77 14.46 0.44 -24.35
C GLN A 77 13.47 -0.71 -24.30
N LEU A 78 13.29 -1.32 -23.13
CA LEU A 78 12.35 -2.43 -23.02
C LEU A 78 10.93 -1.98 -23.31
N PHE A 79 10.47 -0.91 -22.63
CA PHE A 79 9.12 -0.36 -22.86
C PHE A 79 8.92 -0.05 -24.32
N ALA A 80 9.91 0.60 -24.94
CA ALA A 80 9.83 0.90 -26.36
C ALA A 80 9.75 -0.37 -27.21
N ALA A 81 10.51 -1.41 -26.84
CA ALA A 81 10.43 -2.67 -27.58
C ALA A 81 9.09 -3.39 -27.36
N MET A 82 8.52 -3.27 -26.16
CA MET A 82 7.20 -3.88 -25.90
C MET A 82 6.16 -3.35 -26.89
N LYS A 83 6.18 -2.03 -27.15
CA LYS A 83 5.28 -1.46 -28.14
C LYS A 83 5.47 -2.08 -29.52
N LYS A 84 6.67 -2.55 -29.86
CA LYS A 84 6.80 -3.14 -31.20
C LYS A 84 6.17 -4.53 -31.31
N GLY A 85 5.62 -5.07 -30.21
CA GLY A 85 4.69 -6.18 -30.29
C GLY A 85 5.26 -7.58 -30.15
N ASP A 86 6.59 -7.76 -30.10
CA ASP A 86 7.18 -9.10 -30.03
C ASP A 86 7.55 -9.49 -28.61
N GLU A 87 6.87 -10.52 -28.09
CA GLU A 87 7.17 -11.06 -26.77
C GLU A 87 8.63 -11.50 -26.66
N ASN A 88 9.12 -12.26 -27.65
CA ASN A 88 10.43 -12.88 -27.52
C ASN A 88 11.54 -11.83 -27.44
N VAL A 89 11.40 -10.74 -28.19
CA VAL A 89 12.46 -9.73 -28.16
C VAL A 89 12.43 -8.99 -26.83
N ALA A 90 11.23 -8.67 -26.33
CA ALA A 90 11.16 -7.98 -25.05
C ALA A 90 11.73 -8.84 -23.93
N LEU A 91 11.49 -10.15 -23.99
CA LEU A 91 11.93 -11.03 -22.91
C LEU A 91 13.44 -11.22 -22.95
N THR A 92 13.97 -11.64 -24.09
CA THR A 92 15.42 -11.74 -24.23
C THR A 92 16.09 -10.40 -23.87
N LEU A 93 15.46 -9.29 -24.24
CA LEU A 93 15.95 -7.96 -23.82
C LEU A 93 15.94 -7.85 -22.30
N PHE A 94 14.78 -8.14 -21.70
CA PHE A 94 14.63 -8.08 -20.25
C PHE A 94 15.60 -9.03 -19.56
N ALA A 95 15.67 -10.26 -20.06
CA ALA A 95 16.65 -11.21 -19.53
C ALA A 95 18.06 -10.63 -19.59
N GLU A 96 18.36 -9.82 -20.60
CA GLU A 96 19.72 -9.31 -20.70
C GLU A 96 19.98 -8.09 -19.83
N PHE A 97 18.97 -7.56 -19.13
CA PHE A 97 19.23 -6.55 -18.10
C PHE A 97 20.39 -6.98 -17.19
N PRO A 98 21.18 -6.03 -16.67
CA PRO A 98 22.24 -6.42 -15.72
C PRO A 98 21.62 -6.68 -14.35
N GLU A 99 22.02 -7.80 -13.73
CA GLU A 99 21.35 -8.28 -12.53
C GLU A 99 21.52 -7.32 -11.35
N GLU A 100 22.43 -6.34 -11.48
CA GLU A 100 22.74 -5.34 -10.47
C GLU A 100 22.11 -3.97 -10.74
N ASP A 101 21.26 -3.85 -11.77
CA ASP A 101 20.37 -2.71 -11.89
C ASP A 101 19.54 -2.62 -10.61
N GLN A 102 19.42 -1.42 -10.06
CA GLN A 102 18.78 -1.26 -8.76
C GLN A 102 17.31 -1.66 -8.80
N ILE A 103 16.59 -1.24 -9.85
CA ILE A 103 15.17 -1.51 -9.99
C ILE A 103 14.94 -3.02 -9.98
N LEU A 104 15.43 -3.69 -11.01
CA LEU A 104 15.47 -5.15 -11.06
C LEU A 104 15.87 -5.76 -9.73
N GLN A 105 16.89 -5.21 -9.07
CA GLN A 105 17.36 -5.80 -7.81
C GLN A 105 16.30 -5.72 -6.74
N ALA A 106 15.55 -4.62 -6.70
CA ALA A 106 14.57 -4.41 -5.66
C ALA A 106 13.24 -5.12 -5.99
N LEU A 107 12.95 -5.32 -7.28
CA LEU A 107 11.82 -6.15 -7.67
C LEU A 107 12.05 -7.60 -7.30
N LEU A 108 13.19 -8.17 -7.73
CA LEU A 108 13.45 -9.58 -7.43
C LEU A 108 13.57 -9.85 -5.93
N ALA A 109 13.68 -8.81 -5.10
CA ALA A 109 13.70 -9.03 -3.66
C ALA A 109 12.33 -9.48 -3.17
N VAL A 110 11.29 -9.20 -3.95
CA VAL A 110 9.91 -9.48 -3.59
C VAL A 110 9.27 -10.43 -4.59
N HIS A 111 9.31 -10.09 -5.88
CA HIS A 111 8.62 -10.86 -6.89
C HIS A 111 9.55 -11.86 -7.57
N THR A 112 8.93 -12.83 -8.25
CA THR A 112 9.68 -13.75 -9.08
C THR A 112 9.94 -13.12 -10.45
N SER A 113 11.05 -13.53 -11.08
CA SER A 113 11.28 -13.12 -12.47
C SER A 113 10.11 -13.54 -13.35
N GLU A 114 9.64 -14.78 -13.16
CA GLU A 114 8.64 -15.39 -14.05
C GLU A 114 7.32 -14.66 -13.98
N TYR A 115 6.96 -14.15 -12.80
CA TYR A 115 5.82 -13.27 -12.71
C TYR A 115 6.08 -11.98 -13.49
N LEU A 116 7.27 -11.39 -13.32
CA LEU A 116 7.63 -10.20 -14.10
C LEU A 116 7.49 -10.46 -15.60
N GLN A 117 8.11 -11.54 -16.09
CA GLN A 117 7.96 -11.90 -17.49
C GLN A 117 6.50 -12.06 -17.88
N GLN A 118 5.68 -12.62 -16.98
CA GLN A 118 4.26 -12.79 -17.28
C GLN A 118 3.57 -11.44 -17.45
N ILE A 119 3.90 -10.48 -16.59
CA ILE A 119 3.39 -9.13 -16.75
C ILE A 119 3.89 -8.53 -18.08
N ILE A 120 5.06 -8.94 -18.54
CA ILE A 120 5.49 -8.43 -19.83
C ILE A 120 4.74 -9.11 -20.95
N ARG A 121 4.62 -10.45 -20.88
CA ARG A 121 3.81 -11.16 -21.86
C ARG A 121 2.40 -10.62 -21.87
N ASP A 122 1.83 -10.44 -20.66
CA ASP A 122 0.47 -9.94 -20.50
C ASP A 122 0.31 -8.57 -21.16
N CYS A 123 1.23 -7.63 -20.87
CA CYS A 123 1.12 -6.31 -21.51
C CYS A 123 1.13 -6.41 -23.03
N ILE A 124 1.98 -7.26 -23.59
CA ILE A 124 2.01 -7.40 -25.04
C ILE A 124 0.75 -8.12 -25.54
N GLN A 125 0.33 -9.18 -24.85
CA GLN A 125 -0.90 -9.83 -25.28
C GLN A 125 -2.09 -8.86 -25.22
N ALA A 126 -2.11 -7.96 -24.22
CA ALA A 126 -3.19 -6.99 -24.12
C ALA A 126 -3.24 -6.06 -25.31
N GLN A 127 -2.19 -6.00 -26.11
CA GLN A 127 -2.23 -5.16 -27.29
C GLN A 127 -3.31 -5.58 -28.28
N ALA A 128 -3.96 -6.72 -28.09
CA ALA A 128 -4.82 -7.18 -29.17
C ALA A 128 -6.13 -6.40 -29.14
N LYS A 129 -6.77 -6.38 -27.98
CA LYS A 129 -8.00 -5.66 -27.77
C LYS A 129 -7.80 -4.45 -26.86
N GLY A 130 -6.56 -4.11 -26.52
CA GLY A 130 -6.29 -2.99 -25.64
C GLY A 130 -6.30 -3.28 -24.14
N TRP A 131 -6.59 -4.51 -23.73
CA TRP A 131 -6.60 -4.89 -22.33
C TRP A 131 -6.65 -6.41 -22.27
N LYS A 132 -6.24 -6.96 -21.13
CA LYS A 132 -6.29 -8.40 -20.90
C LYS A 132 -6.88 -8.60 -19.51
N GLN A 133 -8.15 -9.02 -19.46
CA GLN A 133 -8.79 -9.39 -18.20
C GLN A 133 -8.30 -10.78 -17.82
N LEU A 134 -7.54 -10.88 -16.73
CA LEU A 134 -7.12 -12.15 -16.17
C LEU A 134 -7.58 -12.20 -14.72
N ASN A 135 -8.61 -12.97 -14.44
CA ASN A 135 -9.31 -12.95 -13.15
C ASN A 135 -10.10 -11.66 -12.97
N SER A 136 -11.34 -11.75 -12.45
CA SER A 136 -12.26 -10.60 -12.30
C SER A 136 -11.72 -9.51 -11.35
N ASP A 137 -10.51 -9.68 -10.80
CA ASP A 137 -9.88 -8.67 -9.95
C ASP A 137 -8.59 -8.04 -10.53
N ILE A 138 -8.12 -8.47 -11.70
CA ILE A 138 -6.89 -7.93 -12.32
C ILE A 138 -7.10 -7.73 -13.82
N LEU A 139 -6.85 -6.51 -14.30
CA LEU A 139 -6.86 -6.21 -15.72
C LEU A 139 -5.54 -5.56 -16.11
N ILE A 140 -4.91 -6.07 -17.16
CA ILE A 140 -3.60 -5.60 -17.62
C ILE A 140 -3.80 -4.85 -18.93
N THR A 141 -3.10 -3.73 -19.10
CA THR A 141 -3.07 -2.92 -20.31
C THR A 141 -1.66 -2.83 -20.87
N PRO A 142 -1.51 -2.53 -22.17
CA PRO A 142 -0.17 -2.39 -22.74
C PRO A 142 0.74 -1.45 -21.94
N GLY A 143 0.19 -0.38 -21.38
CA GLY A 143 1.06 0.48 -20.62
C GLY A 143 1.46 -0.03 -19.25
N THR A 144 0.90 -1.14 -18.78
CA THR A 144 0.77 -1.35 -17.33
C THR A 144 2.11 -1.63 -16.65
N PHE A 145 2.98 -2.42 -17.28
CA PHE A 145 4.32 -2.64 -16.73
C PHE A 145 5.06 -1.33 -16.52
N GLU A 146 5.15 -0.51 -17.58
CA GLU A 146 5.91 0.75 -17.50
C GLU A 146 5.40 1.63 -16.38
N VAL A 147 4.08 1.80 -16.28
CA VAL A 147 3.54 2.76 -15.32
C VAL A 147 3.84 2.33 -13.89
N LEU A 148 3.95 1.02 -13.65
CA LEU A 148 4.28 0.55 -12.32
C LEU A 148 5.76 0.72 -12.03
N ILE A 149 6.60 0.44 -13.03
CA ILE A 149 8.02 0.72 -12.87
C ILE A 149 8.24 2.18 -12.55
N LYS A 150 7.61 3.09 -13.31
CA LYS A 150 7.77 4.51 -13.02
C LYS A 150 7.30 4.82 -11.60
N ASP A 151 6.15 4.27 -11.19
CA ASP A 151 5.61 4.49 -9.85
C ASP A 151 6.59 4.03 -8.76
N ILE A 152 7.15 2.83 -8.91
CA ILE A 152 8.06 2.28 -7.91
C ILE A 152 9.41 3.00 -7.93
N SER A 153 9.98 3.20 -9.10
CA SER A 153 11.29 3.85 -9.14
C SER A 153 11.22 5.24 -8.55
N MET A 154 10.21 6.00 -8.97
CA MET A 154 9.97 7.32 -8.44
C MET A 154 9.98 7.34 -6.93
N THR A 155 9.50 6.28 -6.30
CA THR A 155 9.52 6.22 -4.86
C THR A 155 10.85 5.71 -4.31
N LEU A 156 11.43 4.71 -4.97
CA LEU A 156 12.68 4.13 -4.46
C LEU A 156 13.80 5.17 -4.38
N PHE A 157 14.07 5.90 -5.45
CA PHE A 157 15.26 6.78 -5.48
C PHE A 157 14.93 8.25 -5.35
N HIS A 158 13.82 8.69 -5.91
CA HIS A 158 13.39 10.07 -5.76
C HIS A 158 12.63 10.27 -4.46
N SER A 159 12.92 9.44 -3.46
CA SER A 159 12.11 9.31 -2.26
C SER A 159 12.12 10.55 -1.39
N LYS A 160 13.22 10.76 -0.68
CA LYS A 160 13.29 11.68 0.46
C LYS A 160 12.38 11.22 1.59
N LYS A 161 12.88 11.36 2.83
CA LYS A 161 12.11 11.14 4.06
C LYS A 161 10.68 11.60 3.88
N VAL A 162 9.72 10.86 4.43
CA VAL A 162 8.29 11.15 4.41
C VAL A 162 7.77 11.43 2.99
N HIS A 163 6.87 10.54 2.53
CA HIS A 163 6.53 10.43 1.12
C HIS A 163 5.15 9.82 0.99
N PHE A 164 4.22 10.55 0.37
CA PHE A 164 2.86 10.11 0.10
C PHE A 164 2.73 9.71 -1.36
N SER A 165 2.44 8.45 -1.61
CA SER A 165 2.31 7.99 -2.99
C SER A 165 0.87 7.57 -3.25
N PHE A 166 0.24 8.24 -4.20
CA PHE A 166 -1.01 7.80 -4.80
C PHE A 166 -0.69 7.02 -6.07
N GLY A 167 -1.39 5.92 -6.26
CA GLY A 167 -1.06 4.96 -7.29
C GLY A 167 -1.77 3.65 -7.00
N LEU A 168 -1.60 2.69 -7.95
CA LEU A 168 -2.21 1.36 -7.86
C LEU A 168 -2.10 0.74 -6.47
N PRO A 169 -2.97 -0.18 -6.15
CA PRO A 169 -2.86 -0.87 -4.87
C PRO A 169 -1.80 -1.96 -4.93
N THR A 170 -1.37 -2.39 -3.74
CA THR A 170 -0.23 -3.27 -3.52
C THR A 170 -0.50 -4.44 -2.59
N HIS A 171 -1.29 -4.26 -1.50
CA HIS A 171 -1.21 -5.25 -0.42
C HIS A 171 -1.84 -6.61 -0.76
N HIS A 172 -2.64 -6.73 -1.82
CA HIS A 172 -3.15 -8.05 -2.19
C HIS A 172 -2.26 -8.77 -3.19
N ALA A 173 -1.13 -8.18 -3.56
CA ALA A 173 -0.23 -8.73 -4.56
C ALA A 173 0.79 -9.65 -3.91
N PHE A 174 1.04 -10.80 -4.55
CA PHE A 174 1.86 -11.87 -4.00
C PHE A 174 3.20 -11.93 -4.75
N ALA A 175 4.06 -12.86 -4.35
CA ALA A 175 5.37 -12.98 -4.98
C ALA A 175 5.23 -13.29 -6.46
N ASP A 176 4.44 -14.29 -6.81
CA ASP A 176 4.36 -14.73 -8.20
C ASP A 176 3.00 -14.47 -8.84
N GLU A 177 2.23 -13.51 -8.31
CA GLU A 177 0.88 -13.26 -8.83
C GLU A 177 0.22 -12.07 -8.15
N GLY A 178 -0.68 -11.40 -8.88
CA GLY A 178 -1.52 -10.38 -8.29
C GLY A 178 -2.94 -10.86 -7.97
N SER A 179 -3.66 -10.10 -7.15
CA SER A 179 -5.07 -10.35 -6.93
C SER A 179 -5.67 -9.09 -6.34
N GLY A 180 -7.01 -9.08 -6.25
CA GLY A 180 -7.75 -7.97 -5.68
C GLY A 180 -7.20 -6.61 -6.05
N PHE A 181 -7.07 -6.35 -7.34
CA PHE A 181 -6.73 -5.07 -7.93
C PHE A 181 -5.24 -4.76 -7.83
N CYS A 182 -4.44 -5.63 -7.21
CA CYS A 182 -3.02 -5.38 -6.90
C CYS A 182 -2.14 -6.22 -7.81
N ILE A 183 -1.40 -5.56 -8.70
CA ILE A 183 -0.50 -6.23 -9.64
C ILE A 183 0.86 -6.47 -9.00
N LEU A 184 1.40 -5.44 -8.35
CA LEU A 184 2.74 -5.47 -7.80
C LEU A 184 2.72 -4.90 -6.40
N ASN A 185 3.56 -5.48 -5.54
CA ASN A 185 3.49 -5.17 -4.11
C ASN A 185 4.54 -4.12 -3.82
N LYS A 186 4.22 -2.88 -4.19
CA LYS A 186 5.18 -1.80 -4.03
C LYS A 186 5.60 -1.63 -2.58
N SER A 187 4.69 -1.92 -1.65
CA SER A 187 4.99 -1.69 -0.25
C SER A 187 6.09 -2.63 0.23
N ALA A 188 6.09 -3.87 -0.25
CA ALA A 188 7.17 -4.79 0.09
C ALA A 188 8.47 -4.47 -0.68
N VAL A 189 8.37 -3.99 -1.92
CA VAL A 189 9.60 -3.73 -2.67
C VAL A 189 10.40 -2.64 -1.99
N LEU A 190 9.70 -1.59 -1.55
CA LEU A 190 10.28 -0.52 -0.76
C LEU A 190 10.99 -1.06 0.49
N LEU A 191 10.23 -1.76 1.34
CA LEU A 191 10.77 -2.14 2.64
C LEU A 191 12.02 -2.99 2.49
N LYS A 192 11.96 -4.03 1.66
CA LYS A 192 13.15 -4.80 1.34
C LYS A 192 14.29 -3.88 0.90
N HIS A 193 13.95 -2.89 0.06
CA HIS A 193 14.95 -1.97 -0.46
C HIS A 193 15.61 -1.17 0.66
N MET A 194 14.90 -0.89 1.75
CA MET A 194 15.47 -0.03 2.77
C MET A 194 16.42 -0.79 3.69
N GLN A 195 16.08 -2.04 4.00
CA GLN A 195 16.99 -2.85 4.79
C GLN A 195 18.16 -3.37 3.95
N ARG A 196 18.22 -3.01 2.67
CA ARG A 196 19.18 -3.60 1.74
C ARG A 196 20.62 -3.50 2.22
N ASN A 197 21.06 -2.28 2.57
CA ASN A 197 22.46 -2.13 2.98
C ASN A 197 22.61 -1.10 4.10
N THR A 198 21.54 -0.87 4.86
CA THR A 198 21.59 -0.01 6.04
C THR A 198 21.53 -0.88 7.30
N LYS A 199 22.10 -0.36 8.40
CA LYS A 199 22.08 -1.00 9.72
C LYS A 199 20.67 -1.51 10.01
N PRO A 200 20.53 -2.61 10.76
CA PRO A 200 19.20 -3.24 10.90
C PRO A 200 18.17 -2.27 11.47
N LEU A 201 17.05 -2.15 10.76
CA LEU A 201 15.97 -1.25 11.11
C LEU A 201 14.86 -1.96 11.86
N LYS A 202 14.02 -1.15 12.53
CA LYS A 202 12.77 -1.57 13.16
C LYS A 202 11.66 -1.22 12.18
N HIS A 203 11.21 -2.19 11.40
CA HIS A 203 10.14 -1.91 10.44
C HIS A 203 8.79 -2.00 11.13
N ILE A 204 7.98 -0.96 10.95
CA ILE A 204 6.67 -0.84 11.58
C ILE A 204 5.65 -0.55 10.49
N ILE A 205 4.56 -1.30 10.45
CA ILE A 205 3.58 -1.22 9.38
C ILE A 205 2.20 -1.07 10.01
N VAL A 206 1.39 -0.16 9.48
CA VAL A 206 0.02 0.06 9.95
C VAL A 206 -0.87 0.12 8.71
N GLY A 207 -1.48 -1.01 8.37
CA GLY A 207 -2.27 -1.13 7.15
C GLY A 207 -3.75 -0.99 7.43
N THR A 208 -4.27 0.22 7.24
CA THR A 208 -5.61 0.55 7.68
C THR A 208 -6.67 0.29 6.61
N ASP A 209 -6.28 -0.20 5.43
CA ASP A 209 -7.27 -0.70 4.48
C ASP A 209 -8.16 -1.75 5.17
N VAL A 210 -9.48 -1.63 4.98
CA VAL A 210 -10.46 -2.54 5.62
C VAL A 210 -10.21 -3.98 5.22
N ASN A 211 -9.68 -4.20 4.02
CA ASN A 211 -9.29 -5.52 3.58
C ASN A 211 -7.95 -5.87 4.22
N ARG A 212 -7.59 -7.15 4.14
CA ARG A 212 -6.45 -7.63 4.89
C ARG A 212 -5.17 -7.46 4.09
N ASP A 213 -4.12 -7.02 4.75
CA ASP A 213 -2.82 -6.95 4.09
C ASP A 213 -2.25 -8.36 3.88
N ASN A 214 -2.95 -9.22 3.11
CA ASN A 214 -2.62 -10.65 3.03
C ASN A 214 -1.50 -10.95 2.04
N GLY A 215 -1.37 -10.19 0.96
CA GLY A 215 -0.24 -10.39 0.07
C GLY A 215 1.05 -9.93 0.72
N LEU A 216 1.07 -8.65 1.14
CA LEU A 216 2.18 -8.12 1.92
C LEU A 216 2.66 -9.12 2.95
N CYS A 217 1.75 -9.53 3.83
CA CYS A 217 2.07 -10.44 4.92
C CYS A 217 2.68 -11.73 4.43
N ASP A 218 2.13 -12.30 3.36
CA ASP A 218 2.72 -13.49 2.76
C ASP A 218 4.18 -13.22 2.37
N ILE A 219 4.41 -12.14 1.61
CA ILE A 219 5.76 -11.79 1.16
C ILE A 219 6.68 -11.59 2.35
N LEU A 220 6.24 -10.79 3.33
CA LEU A 220 7.06 -10.57 4.52
C LEU A 220 7.38 -11.89 5.22
N MET A 221 6.44 -12.81 5.26
CA MET A 221 6.56 -13.99 6.09
C MET A 221 7.51 -15.02 5.49
N ASN A 222 7.58 -15.09 4.17
CA ASN A 222 8.35 -16.13 3.49
C ASN A 222 9.68 -15.63 2.92
N SER A 223 10.04 -14.36 3.14
CA SER A 223 11.32 -13.84 2.68
C SER A 223 11.97 -12.88 3.65
N ALA A 224 11.23 -12.27 4.56
CA ALA A 224 11.77 -11.26 5.46
C ALA A 224 11.79 -11.71 6.91
N ALA A 225 11.91 -13.01 7.16
CA ALA A 225 11.99 -13.52 8.52
C ALA A 225 13.43 -13.41 9.03
N ASP A 226 13.99 -12.21 8.92
CA ASP A 226 15.35 -11.96 9.37
C ASP A 226 15.40 -10.52 9.84
N MET A 227 14.38 -9.75 9.50
CA MET A 227 14.33 -8.35 9.82
C MET A 227 13.33 -8.09 10.92
N ASP A 228 13.52 -6.96 11.60
CA ASP A 228 12.61 -6.57 12.70
C ASP A 228 11.39 -5.84 12.14
N ILE A 229 10.31 -6.59 11.96
CA ILE A 229 9.06 -6.05 11.43
C ILE A 229 7.98 -6.23 12.46
N CYS A 230 7.15 -5.19 12.60
CA CYS A 230 5.92 -5.21 13.39
C CYS A 230 4.79 -4.78 12.47
N HIS A 231 4.08 -5.75 11.90
CA HIS A 231 2.98 -5.49 10.98
C HIS A 231 1.68 -5.45 11.79
N ILE A 232 1.14 -4.25 12.00
CA ILE A 232 -0.17 -4.10 12.65
C ILE A 232 -1.20 -3.99 11.53
N ASP A 233 -2.09 -4.99 11.44
CA ASP A 233 -3.01 -5.15 10.31
C ASP A 233 -4.44 -4.98 10.83
N VAL A 234 -5.02 -3.81 10.59
CA VAL A 234 -6.42 -3.59 10.89
C VAL A 234 -7.24 -3.97 9.68
N PHE A 235 -8.19 -4.88 9.87
CA PHE A 235 -9.08 -5.31 8.80
C PHE A 235 -10.30 -6.00 9.39
N ASP A 236 -11.33 -6.10 8.56
CA ASP A 236 -12.57 -6.76 8.91
C ASP A 236 -12.60 -8.11 8.22
N SER A 237 -12.67 -9.20 9.00
CA SER A 237 -12.57 -10.52 8.43
C SER A 237 -13.81 -10.94 7.64
N ARG A 238 -14.94 -10.25 7.80
CA ARG A 238 -16.15 -10.62 7.07
C ARG A 238 -16.19 -10.02 5.68
N VAL A 239 -15.10 -9.39 5.26
CA VAL A 239 -14.99 -8.85 3.92
C VAL A 239 -13.66 -9.31 3.34
N TYR A 240 -13.57 -9.29 1.99
CA TYR A 240 -12.43 -9.77 1.21
C TYR A 240 -11.12 -9.42 1.88
N PRO A 241 -10.20 -10.37 2.01
CA PRO A 241 -10.27 -11.77 1.54
C PRO A 241 -11.03 -12.77 2.43
N TYR A 242 -11.85 -12.33 3.40
CA TYR A 242 -12.69 -13.23 4.20
C TYR A 242 -11.83 -14.26 4.96
N GLN A 243 -10.77 -13.79 5.61
CA GLN A 243 -9.88 -14.65 6.38
C GLN A 243 -9.83 -14.18 7.81
N ASP A 244 -9.94 -15.13 8.74
CA ASP A 244 -10.08 -14.86 10.17
C ASP A 244 -8.89 -15.44 10.94
N GLU A 245 -8.96 -15.24 12.26
CA GLU A 245 -7.87 -15.61 13.15
C GLU A 245 -7.53 -17.09 13.11
N ASP A 246 -8.50 -17.94 12.77
CA ASP A 246 -8.18 -19.36 12.64
C ASP A 246 -7.35 -19.62 11.39
N TYR A 247 -7.65 -18.90 10.31
CA TYR A 247 -6.75 -18.88 9.16
C TYR A 247 -5.35 -18.44 9.59
N ILE A 248 -5.25 -17.27 10.21
CA ILE A 248 -3.90 -16.76 10.48
C ILE A 248 -3.18 -17.65 11.50
N THR A 249 -3.93 -18.29 12.41
CA THR A 249 -3.35 -19.36 13.24
C THR A 249 -2.83 -20.49 12.36
N GLU A 250 -3.40 -20.66 11.17
CA GLU A 250 -2.99 -21.77 10.33
C GLU A 250 -1.76 -21.44 9.50
N LEU A 251 -1.68 -20.22 8.95
CA LEU A 251 -0.49 -19.80 8.24
C LEU A 251 0.73 -19.94 9.14
N PHE A 252 0.72 -19.20 10.24
CA PHE A 252 1.87 -19.17 11.12
C PHE A 252 2.09 -20.47 11.85
N ASN A 253 1.24 -21.47 11.65
CA ASN A 253 1.44 -22.78 12.27
C ASN A 253 1.44 -22.67 13.80
N LYS A 254 0.75 -21.66 14.35
CA LYS A 254 0.88 -21.31 15.76
C LYS A 254 -0.36 -20.53 16.21
N CYS A 255 -0.95 -20.94 17.35
CA CYS A 255 -2.06 -20.21 17.94
C CYS A 255 -1.67 -18.77 18.26
N GLY A 256 -2.61 -17.85 18.11
CA GLY A 256 -2.30 -16.45 18.31
C GLY A 256 -2.23 -16.06 19.77
N LYS A 257 -1.35 -15.09 20.07
CA LYS A 257 -1.19 -14.57 21.43
C LYS A 257 -2.17 -13.42 21.65
N ASP A 258 -3.09 -13.60 22.61
CA ASP A 258 -4.03 -12.55 22.97
C ASP A 258 -3.26 -11.33 23.48
N GLU A 259 -3.30 -10.23 22.72
CA GLU A 259 -2.74 -8.95 23.13
C GLU A 259 -3.76 -8.04 23.81
N GLY A 260 -4.83 -8.62 24.36
CA GLY A 260 -5.94 -7.86 24.91
C GLY A 260 -6.90 -7.34 23.85
N GLN A 261 -8.16 -7.13 24.23
CA GLN A 261 -9.18 -6.51 23.38
C GLN A 261 -9.41 -7.31 22.08
N ASN A 262 -9.45 -8.64 22.18
CA ASN A 262 -9.71 -9.52 21.04
C ASN A 262 -8.71 -9.28 19.90
N ILE A 263 -7.46 -9.02 20.27
CA ILE A 263 -6.40 -8.76 19.31
C ILE A 263 -5.30 -9.77 19.55
N GLN A 264 -4.78 -10.35 18.47
CA GLN A 264 -3.85 -11.46 18.58
C GLN A 264 -2.62 -11.20 17.74
N SER A 265 -1.46 -11.48 18.31
CA SER A 265 -0.22 -11.36 17.56
C SER A 265 0.34 -12.74 17.25
N TRP A 266 1.01 -12.84 16.11
CA TRP A 266 1.76 -14.03 15.73
C TRP A 266 3.20 -13.63 15.46
N GLN A 267 4.09 -14.60 15.41
CA GLN A 267 5.50 -14.33 15.14
C GLN A 267 6.08 -15.35 14.18
N ARG A 268 6.64 -14.86 13.08
CA ARG A 268 7.44 -15.67 12.17
C ARG A 268 8.84 -15.07 12.17
N GLY A 269 9.64 -15.44 13.16
CA GLY A 269 10.99 -14.90 13.27
C GLY A 269 10.96 -13.44 13.70
N GLY A 270 11.65 -12.59 12.95
CA GLY A 270 11.62 -11.15 13.18
C GLY A 270 10.27 -10.50 12.89
N LEU A 271 9.38 -11.19 12.19
CA LEU A 271 8.08 -10.64 11.88
C LEU A 271 7.10 -10.94 13.00
N ASP A 272 6.37 -9.91 13.42
CA ASP A 272 5.33 -10.04 14.45
C ASP A 272 4.08 -9.39 13.89
N TYR A 273 3.07 -10.20 13.57
CA TYR A 273 1.90 -9.78 12.82
C TYR A 273 0.70 -9.66 13.76
N PHE A 274 0.11 -8.46 13.84
CA PHE A 274 -0.99 -8.15 14.76
C PHE A 274 -2.30 -8.03 14.00
N VAL A 275 -3.27 -8.88 14.35
CA VAL A 275 -4.59 -8.83 13.74
C VAL A 275 -5.48 -8.02 14.66
N VAL A 276 -5.71 -6.76 14.30
CA VAL A 276 -6.71 -5.93 14.96
C VAL A 276 -7.98 -6.11 14.14
N ASN A 277 -8.82 -7.04 14.55
CA ASN A 277 -9.99 -7.38 13.77
C ASN A 277 -11.09 -6.36 14.02
N LEU A 278 -11.57 -5.72 12.96
CA LEU A 278 -12.59 -4.69 13.08
C LEU A 278 -13.89 -5.21 13.68
N SER A 279 -14.14 -6.50 13.61
CA SER A 279 -15.36 -7.07 14.13
C SER A 279 -15.16 -7.70 15.51
N ARG A 280 -14.01 -8.32 15.76
CA ARG A 280 -13.71 -8.76 17.12
C ARG A 280 -13.38 -7.57 18.02
N THR A 281 -12.81 -6.47 17.46
CA THR A 281 -12.39 -5.30 18.25
C THR A 281 -13.24 -4.07 17.89
N THR A 282 -14.22 -3.78 18.75
CA THR A 282 -15.28 -2.83 18.47
C THR A 282 -15.15 -1.58 19.33
N ARG A 283 -15.69 -0.48 18.81
CA ARG A 283 -15.59 0.81 19.47
C ARG A 283 -16.49 0.88 20.69
N LYS A 284 -15.88 1.15 21.86
CA LYS A 284 -16.63 1.54 23.03
C LYS A 284 -17.25 2.92 22.81
N PRO A 285 -18.36 3.27 23.53
CA PRO A 285 -19.34 4.23 23.01
C PRO A 285 -18.82 5.49 22.30
N GLY A 286 -18.62 6.57 23.06
CA GLY A 286 -18.23 7.83 22.48
C GLY A 286 -16.77 7.96 22.11
N LEU A 287 -15.99 6.89 22.24
CA LEU A 287 -14.54 6.97 22.20
C LEU A 287 -14.02 6.98 20.77
N VAL A 288 -12.71 7.12 20.65
CA VAL A 288 -12.04 6.86 19.37
C VAL A 288 -11.91 5.35 19.22
N HIS A 289 -12.01 4.90 17.98
CA HIS A 289 -11.95 3.49 17.70
C HIS A 289 -10.66 2.91 18.27
N PRO A 290 -10.74 1.90 19.14
CA PRO A 290 -9.52 1.39 19.78
C PRO A 290 -8.50 0.83 18.79
N ALA A 291 -8.85 0.65 17.52
CA ALA A 291 -7.89 0.13 16.55
C ALA A 291 -6.72 1.09 16.37
N LEU A 292 -7.01 2.33 15.96
CA LEU A 292 -5.97 3.34 15.85
C LEU A 292 -5.24 3.52 17.17
N VAL A 293 -6.03 3.61 18.25
CA VAL A 293 -5.50 3.71 19.60
C VAL A 293 -4.40 2.68 19.83
N PHE A 294 -4.62 1.44 19.37
CA PHE A 294 -3.57 0.44 19.45
C PHE A 294 -2.38 0.85 18.62
N ALA A 295 -2.60 1.10 17.33
CA ALA A 295 -1.51 1.40 16.42
C ALA A 295 -0.59 2.45 16.99
N ILE A 296 -1.16 3.49 17.61
CA ILE A 296 -0.31 4.55 18.15
C ILE A 296 0.48 4.04 19.34
N GLU A 297 -0.15 3.25 20.20
CA GLU A 297 0.53 2.74 21.38
C GLU A 297 1.65 1.78 20.99
N LYS A 298 1.32 0.75 20.19
CA LYS A 298 2.33 -0.17 19.67
C LYS A 298 3.50 0.60 19.04
N MET A 299 3.17 1.48 18.11
CA MET A 299 4.18 2.28 17.43
C MET A 299 5.10 2.93 18.44
N GLU A 300 4.52 3.78 19.29
CA GLU A 300 5.29 4.50 20.29
C GLU A 300 6.19 3.57 21.08
N GLU A 301 5.69 2.36 21.37
CA GLU A 301 6.51 1.36 22.04
C GLU A 301 7.65 0.90 21.14
N GLN A 302 7.32 0.49 19.92
CA GLN A 302 8.31 -0.08 19.03
C GLN A 302 9.40 0.92 18.66
N ILE A 303 9.10 2.22 18.75
CA ILE A 303 10.14 3.23 18.53
C ILE A 303 11.14 3.22 19.66
N GLU A 304 10.63 3.32 20.90
CA GLU A 304 11.50 3.29 22.06
C GLU A 304 12.37 2.05 22.07
N GLN A 305 11.80 0.91 21.66
CA GLN A 305 12.60 -0.30 21.52
C GLN A 305 13.74 -0.11 20.53
N ALA A 306 13.52 0.69 19.49
CA ALA A 306 14.56 0.91 18.49
C ALA A 306 15.62 1.88 18.99
N LYS A 307 15.21 2.92 19.71
CA LYS A 307 16.19 3.80 20.36
C LYS A 307 17.06 3.01 21.31
N ILE A 308 16.46 2.08 22.06
CA ILE A 308 17.23 1.28 23.01
C ILE A 308 18.27 0.45 22.29
N ASN A 309 17.87 -0.22 21.21
CA ASN A 309 18.81 -1.05 20.44
C ASN A 309 19.56 -0.25 19.40
N HIS A 310 19.84 1.02 19.66
CA HIS A 310 20.64 1.90 18.82
C HIS A 310 20.30 1.74 17.33
N GLN A 311 19.08 1.30 17.04
CA GLN A 311 18.69 0.97 15.68
C GLN A 311 17.68 1.98 15.17
N LYS A 312 17.54 2.04 13.85
CA LYS A 312 16.70 3.03 13.20
C LYS A 312 15.35 2.42 12.89
N VAL A 313 14.39 3.29 12.58
CA VAL A 313 13.04 2.82 12.30
C VAL A 313 12.63 3.25 10.90
N ALA A 314 11.76 2.43 10.30
CA ALA A 314 11.15 2.69 9.01
C ALA A 314 9.66 2.36 9.13
N LEU A 315 8.82 3.32 8.76
CA LEU A 315 7.38 3.21 8.94
C LEU A 315 6.68 3.23 7.60
N PHE A 316 5.66 2.38 7.46
CA PHE A 316 4.94 2.22 6.22
C PHE A 316 3.44 2.18 6.52
N LEU A 317 2.68 2.95 5.74
CA LEU A 317 1.24 3.09 5.90
C LEU A 317 0.50 2.68 4.63
N PRO A 318 0.50 1.38 4.29
CA PRO A 318 -0.36 0.94 3.18
C PRO A 318 -1.81 1.12 3.57
N THR A 319 -2.29 2.34 3.55
CA THR A 319 -3.59 2.65 4.09
C THR A 319 -4.62 2.77 2.97
N GLY A 320 -5.82 2.27 3.25
CA GLY A 320 -6.97 2.53 2.40
C GLY A 320 -8.07 3.22 3.20
N TRP A 321 -8.88 3.99 2.49
CA TRP A 321 -10.03 4.65 3.11
C TRP A 321 -11.31 3.80 3.04
N ASP A 322 -11.27 2.64 2.37
CA ASP A 322 -12.44 1.79 2.29
C ASP A 322 -12.84 1.25 3.65
N SER A 323 -12.07 1.56 4.70
CA SER A 323 -12.42 1.28 6.08
C SER A 323 -13.14 2.46 6.74
N HIS A 324 -13.21 3.61 6.06
CA HIS A 324 -13.97 4.74 6.59
C HIS A 324 -15.44 4.37 6.64
N GLU A 325 -16.13 4.91 7.64
CA GLU A 325 -17.52 4.56 7.87
C GLU A 325 -18.42 5.06 6.75
N GLU A 326 -17.94 5.97 5.91
CA GLU A 326 -18.74 6.51 4.83
C GLU A 326 -18.35 5.96 3.47
N GLU A 327 -17.61 4.85 3.44
CA GLU A 327 -17.45 4.10 2.20
C GLU A 327 -18.80 3.48 1.81
N THR A 328 -18.97 3.23 0.51
CA THR A 328 -20.15 2.49 0.04
C THR A 328 -19.78 1.20 -0.69
N ALA A 329 -18.49 0.96 -0.92
CA ALA A 329 -18.05 -0.17 -1.73
C ALA A 329 -18.28 -1.50 -1.04
N TYR A 330 -18.66 -2.50 -1.84
CA TYR A 330 -18.98 -3.81 -1.29
C TYR A 330 -17.82 -4.41 -0.50
N CYS A 331 -16.60 -4.05 -0.80
CA CYS A 331 -15.51 -4.61 -0.02
C CYS A 331 -15.36 -3.94 1.33
N GLY A 332 -16.22 -2.97 1.65
CA GLY A 332 -16.15 -2.30 2.93
C GLY A 332 -17.44 -2.40 3.69
N LYS A 333 -18.57 -2.41 2.98
CA LYS A 333 -19.87 -2.39 3.64
C LYS A 333 -20.68 -3.66 3.43
N TYR A 334 -20.20 -4.61 2.61
CA TYR A 334 -20.91 -5.86 2.37
C TYR A 334 -20.33 -6.91 3.30
N VAL A 335 -21.04 -7.14 4.40
CA VAL A 335 -20.59 -8.02 5.47
C VAL A 335 -21.72 -8.96 5.81
N ASP A 336 -21.40 -10.25 5.96
CA ASP A 336 -22.34 -11.23 6.52
C ASP A 336 -23.70 -11.26 5.81
N GLY A 337 -23.83 -10.66 4.63
CA GLY A 337 -25.07 -10.72 3.88
C GLY A 337 -25.80 -9.39 3.72
N TYR A 338 -25.38 -8.30 4.37
CA TYR A 338 -26.07 -7.01 4.29
C TYR A 338 -25.07 -5.88 4.14
N LEU A 339 -25.59 -4.65 4.04
CA LEU A 339 -24.76 -3.45 4.09
C LEU A 339 -24.87 -2.81 5.46
N MET A 340 -23.72 -2.49 6.05
CA MET A 340 -23.68 -2.00 7.41
C MET A 340 -24.51 -0.75 7.58
N GLY A 341 -25.46 -0.81 8.49
CA GLY A 341 -26.26 0.36 8.78
C GLY A 341 -25.48 1.43 9.50
N ALA A 342 -26.16 2.56 9.68
CA ALA A 342 -25.65 3.68 10.45
C ALA A 342 -24.95 3.21 11.72
N THR A 343 -25.73 2.61 12.62
CA THR A 343 -25.24 2.32 13.96
C THR A 343 -24.00 1.42 13.92
N GLU A 344 -24.05 0.32 13.17
CA GLU A 344 -22.91 -0.58 13.10
C GLU A 344 -21.70 0.11 12.47
N ALA A 345 -21.92 1.13 11.64
CA ALA A 345 -20.81 1.85 11.04
C ALA A 345 -19.97 2.55 12.09
N ARG A 346 -20.58 2.97 13.20
CA ARG A 346 -19.82 3.64 14.25
C ARG A 346 -18.87 2.67 14.95
N LYS A 347 -19.38 1.51 15.38
CA LYS A 347 -18.59 0.68 16.27
C LYS A 347 -17.54 -0.16 15.56
N THR A 348 -17.56 -0.23 14.21
CA THR A 348 -16.63 -1.09 13.47
C THR A 348 -15.89 -0.41 12.34
N ARG A 349 -16.27 0.82 11.96
CA ARG A 349 -15.60 1.56 10.89
C ARG A 349 -15.09 2.88 11.43
N LEU A 350 -14.10 3.44 10.72
CA LEU A 350 -13.38 4.64 11.13
C LEU A 350 -14.02 5.90 10.56
N ASN A 351 -13.98 6.97 11.35
CA ASN A 351 -14.57 8.24 10.97
C ASN A 351 -13.50 9.32 10.90
N THR A 352 -13.89 10.48 10.39
CA THR A 352 -12.98 11.59 10.19
C THR A 352 -12.26 11.98 11.48
N THR A 353 -12.99 11.93 12.60
CA THR A 353 -12.38 12.25 13.89
C THR A 353 -11.32 11.22 14.26
N ASP A 354 -11.57 9.94 13.98
CA ASP A 354 -10.54 8.93 14.17
C ASP A 354 -9.32 9.24 13.32
N LEU A 355 -9.54 9.51 12.02
CA LEU A 355 -8.43 9.76 11.13
C LEU A 355 -7.69 11.03 11.50
N THR A 356 -8.43 12.10 11.79
CA THR A 356 -7.75 13.30 12.24
C THR A 356 -7.02 13.06 13.55
N TYR A 357 -7.46 12.09 14.34
CA TYR A 357 -6.68 11.71 15.50
C TYR A 357 -5.50 10.85 15.11
N PHE A 358 -5.73 9.83 14.27
CA PHE A 358 -4.66 8.97 13.79
C PHE A 358 -3.49 9.75 13.25
N TYR A 359 -3.70 10.45 12.12
CA TYR A 359 -2.60 11.16 11.47
C TYR A 359 -2.00 12.24 12.37
N GLU A 360 -2.84 13.01 13.06
CA GLU A 360 -2.30 14.01 13.97
C GLU A 360 -1.37 13.38 15.00
N SER A 361 -1.75 12.20 15.50
CA SER A 361 -0.88 11.44 16.39
C SER A 361 0.47 11.21 15.73
N ILE A 362 0.48 10.40 14.67
CA ILE A 362 1.72 9.98 14.01
C ILE A 362 2.64 11.17 13.76
N PHE A 363 2.15 12.19 13.04
CA PHE A 363 2.96 13.37 12.77
C PHE A 363 3.54 13.94 14.07
N LYS A 364 2.75 13.92 15.15
CA LYS A 364 3.25 14.39 16.45
C LYS A 364 4.41 13.52 16.93
N LEU A 365 4.35 12.21 16.70
CA LEU A 365 5.45 11.34 17.14
C LEU A 365 6.73 11.64 16.37
N TYR A 366 6.62 12.17 15.15
CA TYR A 366 7.79 12.35 14.28
C TYR A 366 8.81 13.31 14.90
N ARG A 367 8.36 14.52 15.25
CA ARG A 367 9.29 15.54 15.74
C ARG A 367 9.87 15.21 17.10
N GLU A 368 9.30 14.25 17.83
CA GLU A 368 9.94 13.80 19.06
C GLU A 368 11.04 12.78 18.78
N ASN A 369 11.12 12.24 17.56
CA ASN A 369 12.16 11.29 17.20
C ASN A 369 12.58 11.42 15.75
N LYS A 370 12.56 12.65 15.21
CA LYS A 370 12.92 12.87 13.81
C LYS A 370 14.30 12.32 13.49
N ASP A 371 15.22 12.42 14.44
CA ASP A 371 16.52 11.79 14.28
C ASP A 371 16.36 10.28 14.12
N HIS A 372 15.55 9.68 14.99
CA HIS A 372 15.44 8.24 15.07
C HIS A 372 14.43 7.69 14.06
N ILE A 373 14.29 8.36 12.91
CA ILE A 373 13.49 7.90 11.78
C ILE A 373 14.41 7.73 10.58
N GLU A 374 14.15 6.69 9.79
CA GLU A 374 14.82 6.53 8.51
C GLU A 374 13.98 7.04 7.33
N LYS A 375 12.68 6.74 7.30
CA LYS A 375 11.76 7.26 6.30
C LYS A 375 10.39 6.72 6.61
N VAL A 376 9.37 7.46 6.24
CA VAL A 376 8.00 7.02 6.41
C VAL A 376 7.29 7.13 5.08
N TYR A 377 6.37 6.20 4.83
CA TYR A 377 5.78 6.04 3.52
C TYR A 377 4.30 5.71 3.64
N TRP A 378 3.48 6.49 2.94
CA TRP A 378 2.03 6.34 2.98
C TRP A 378 1.58 5.98 1.58
N GLY A 379 0.97 4.80 1.44
CA GLY A 379 0.64 4.31 0.13
C GLY A 379 -0.84 4.06 0.00
N LEU A 380 -1.49 4.82 -0.88
CA LEU A 380 -2.90 4.57 -1.15
C LEU A 380 -3.11 3.12 -1.50
N GLU A 381 -4.19 2.55 -0.97
CA GLU A 381 -4.62 1.21 -1.29
C GLU A 381 -6.06 1.29 -1.77
N GLY A 382 -7.04 0.96 -0.93
CA GLY A 382 -8.44 1.13 -1.27
C GLY A 382 -8.98 2.49 -0.88
N GLY A 383 -10.28 2.66 -1.14
CA GLY A 383 -10.99 3.92 -0.97
C GLY A 383 -11.72 4.19 -2.27
N TYR A 384 -13.05 4.17 -2.28
CA TYR A 384 -13.71 4.11 -3.58
C TYR A 384 -14.86 5.11 -3.74
N ASP A 385 -15.64 5.39 -2.68
CA ASP A 385 -16.68 6.41 -2.77
C ASP A 385 -16.08 7.79 -3.03
N ARG A 386 -16.48 8.43 -4.13
CA ARG A 386 -15.84 9.68 -4.53
C ARG A 386 -15.97 10.74 -3.44
N LYS A 387 -17.19 10.99 -2.97
CA LYS A 387 -17.40 11.93 -1.87
C LYS A 387 -16.50 11.62 -0.68
N MET A 388 -16.49 10.35 -0.25
CA MET A 388 -15.70 10.00 0.93
C MET A 388 -14.20 10.26 0.71
N TYR A 389 -13.66 9.91 -0.47
CA TYR A 389 -12.21 10.05 -0.59
C TYR A 389 -11.79 11.49 -0.92
N GLU A 390 -12.52 12.18 -1.81
CA GLU A 390 -12.20 13.57 -2.08
C GLU A 390 -12.18 14.39 -0.80
N GLN A 391 -12.76 13.87 0.27
CA GLN A 391 -12.75 14.56 1.56
C GLN A 391 -11.60 14.09 2.45
N GLN A 392 -11.38 12.78 2.54
CA GLN A 392 -10.25 12.30 3.33
C GLN A 392 -8.94 12.78 2.75
N ILE A 393 -8.87 12.89 1.43
CA ILE A 393 -7.71 13.48 0.78
C ILE A 393 -7.44 14.86 1.34
N GLU A 394 -8.47 15.71 1.39
CA GLU A 394 -8.25 17.04 1.95
C GLU A 394 -7.89 16.96 3.42
N LEU A 395 -8.52 16.05 4.16
CA LEU A 395 -8.17 15.85 5.56
C LEU A 395 -6.68 15.54 5.71
N LEU A 396 -6.16 14.67 4.84
CA LEU A 396 -4.72 14.42 4.83
C LEU A 396 -3.94 15.68 4.48
N MET A 397 -4.49 16.51 3.61
CA MET A 397 -3.74 17.69 3.14
C MET A 397 -3.81 18.85 4.11
N SER A 398 -4.88 18.95 4.92
CA SER A 398 -4.85 19.87 6.03
C SER A 398 -3.83 19.45 7.08
N ILE A 399 -3.48 18.17 7.10
CA ILE A 399 -2.60 17.61 8.11
C ILE A 399 -1.16 17.50 7.62
N VAL A 400 -0.97 17.15 6.35
CA VAL A 400 0.36 17.16 5.76
C VAL A 400 0.90 18.59 5.68
N LEU A 401 0.01 19.55 5.39
CA LEU A 401 0.34 20.97 5.40
C LEU A 401 1.06 21.37 6.70
N ASN A 402 0.40 21.17 7.84
CA ASN A 402 0.91 21.61 9.14
C ASN A 402 2.02 20.68 9.67
ZN ZN B . -9.24 -2.41 0.56
K K C . -5.40 -4.06 6.50
K K D . -10.44 -6.21 -2.95
#